data_8WBQ
#
_entry.id   8WBQ
#
_cell.length_a   40.643
_cell.length_b   53.888
_cell.length_c   61.959
_cell.angle_alpha   67.070
_cell.angle_beta   75.840
_cell.angle_gamma   75.970
#
_symmetry.space_group_name_H-M   'P 1'
#
loop_
_entity.id
_entity.type
_entity.pdbx_description
1 polymer 'Epoxide hydrolase'
2 non-polymer 'L(+)-TARTARIC ACID'
3 water water
#
_entity_poly.entity_id   1
_entity_poly.type   'polypeptide(L)'
_entity_poly.pdbx_seq_one_letter_code
;MGSSHHHHHHSSGLVPRGSHMQFRALLFDVQGTLTDFRSTLIEHGLSILGDRVDRELWEELVDQWRGCYRDELDSLVKQE
KWRSVRAVYRDSLINLLAKFSDSFCATSAEVELLTDGWERLRSWPDVPSGLEQLRSKYLVAALTNADFSAIVNVGRSAKL
QWDAVLSAQLFGAYKPHRSTYEGAATLLGIAPSEILMVASHAYDLEAAREVGAGTAYVRRPLQYGPTGRTEDVPDGRFDF
LVDSISELADQLGCPRLGGTAGID
;
_entity_poly.pdbx_strand_id   A,B
#
loop_
_chem_comp.id
_chem_comp.type
_chem_comp.name
_chem_comp.formula
TLA non-polymer 'L(+)-TARTARIC ACID' 'C4 H6 O6'
#
# COMPACT_ATOMS: atom_id res chain seq x y z
N GLN A 22 12.18 -20.59 4.64
CA GLN A 22 12.26 -19.44 3.76
C GLN A 22 10.94 -18.67 3.74
N PHE A 23 11.03 -17.35 3.66
CA PHE A 23 9.87 -16.47 3.65
C PHE A 23 9.81 -15.72 2.32
N ARG A 24 8.59 -15.43 1.89
CA ARG A 24 8.39 -14.60 0.71
C ARG A 24 8.06 -13.15 1.05
N ALA A 25 7.41 -12.91 2.19
CA ALA A 25 7.10 -11.56 2.61
C ALA A 25 7.42 -11.39 4.09
N LEU A 26 7.83 -10.18 4.44
CA LEU A 26 8.00 -9.79 5.83
C LEU A 26 6.88 -8.83 6.17
N LEU A 27 6.01 -9.24 7.08
CA LEU A 27 4.90 -8.43 7.54
C LEU A 27 5.33 -7.70 8.80
N PHE A 28 5.22 -6.38 8.79
CA PHE A 28 5.72 -5.56 9.88
C PHE A 28 4.58 -4.89 10.62
N ASP A 29 4.55 -5.07 11.93
CA ASP A 29 3.94 -4.06 12.78
C ASP A 29 4.83 -2.81 12.73
N VAL A 30 4.22 -1.65 12.89
CA VAL A 30 4.87 -0.37 12.61
C VAL A 30 5.06 0.45 13.87
N GLN A 31 3.97 0.73 14.58
CA GLN A 31 4.06 1.59 15.76
C GLN A 31 4.89 0.89 16.84
N GLY A 32 6.00 1.51 17.21
CA GLY A 32 6.92 0.89 18.14
C GLY A 32 7.95 0.04 17.44
N THR A 33 7.47 -0.97 16.70
CA THR A 33 8.36 -1.92 16.04
C THR A 33 9.29 -1.21 15.06
N LEU A 34 8.72 -0.32 14.24
CA LEU A 34 9.51 0.44 13.29
C LEU A 34 9.65 1.90 13.66
N THR A 35 8.75 2.42 14.48
CA THR A 35 8.66 3.85 14.70
C THR A 35 8.82 4.16 16.19
N ASP A 36 9.63 5.18 16.49
CA ASP A 36 9.75 5.72 17.84
C ASP A 36 8.57 6.67 18.06
N PHE A 37 7.39 6.07 18.26
CA PHE A 37 6.18 6.86 18.39
C PHE A 37 6.23 7.77 19.61
N ARG A 38 6.91 7.33 20.67
CA ARG A 38 6.94 8.10 21.91
C ARG A 38 7.71 9.40 21.70
N SER A 39 8.98 9.29 21.32
CA SER A 39 9.75 10.49 20.98
C SER A 39 9.05 11.30 19.91
N THR A 40 8.45 10.63 18.93
CA THR A 40 7.67 11.36 17.92
C THR A 40 6.56 12.15 18.57
N LEU A 41 5.71 11.47 19.36
CA LEU A 41 4.57 12.16 19.95
C LEU A 41 5.00 13.20 20.97
N ILE A 42 6.11 12.96 21.67
CA ILE A 42 6.60 13.92 22.64
C ILE A 42 7.04 15.19 21.92
N GLU A 43 7.98 15.07 20.97
CA GLU A 43 8.44 16.24 20.24
C GLU A 43 7.32 16.86 19.43
N HIS A 44 6.45 16.04 18.85
CA HIS A 44 5.33 16.57 18.09
C HIS A 44 4.42 17.41 18.99
N GLY A 45 4.05 16.87 20.15
CA GLY A 45 3.19 17.62 21.05
C GLY A 45 3.83 18.91 21.53
N LEU A 46 5.11 18.84 21.90
CA LEU A 46 5.80 20.02 22.37
C LEU A 46 5.94 21.06 21.27
N SER A 47 6.15 20.61 20.02
CA SER A 47 6.20 21.56 18.91
C SER A 47 4.84 22.24 18.71
N ILE A 48 3.75 21.51 18.95
CA ILE A 48 2.43 22.12 18.84
C ILE A 48 2.15 23.02 20.04
N LEU A 49 2.38 22.51 21.25
CA LEU A 49 1.97 23.22 22.45
C LEU A 49 3.03 24.17 22.98
N GLY A 50 4.29 24.03 22.57
CA GLY A 50 5.31 24.95 23.03
C GLY A 50 5.47 24.89 24.53
N ASP A 51 5.44 26.07 25.17
CA ASP A 51 5.70 26.19 26.59
C ASP A 51 4.43 26.15 27.43
N ARG A 52 3.26 25.88 26.82
CA ARG A 52 2.06 25.66 27.61
C ARG A 52 2.25 24.48 28.56
N VAL A 53 2.92 23.44 28.09
CA VAL A 53 3.10 22.21 28.84
C VAL A 53 4.59 21.93 28.97
N ASP A 54 5.01 21.58 30.18
CA ASP A 54 6.38 21.12 30.38
C ASP A 54 6.60 19.79 29.68
N ARG A 55 7.85 19.54 29.31
CA ARG A 55 8.17 18.30 28.61
C ARG A 55 7.76 17.08 29.42
N GLU A 56 8.06 17.07 30.72
CA GLU A 56 7.73 15.92 31.54
C GLU A 56 6.23 15.68 31.61
N LEU A 57 5.44 16.75 31.73
CA LEU A 57 3.99 16.57 31.78
C LEU A 57 3.47 16.06 30.45
N TRP A 58 3.95 16.60 29.34
CA TRP A 58 3.53 16.11 28.03
C TRP A 58 3.97 14.66 27.84
N GLU A 59 5.20 14.33 28.26
CA GLU A 59 5.67 12.96 28.17
C GLU A 59 4.74 12.02 28.92
N GLU A 60 4.28 12.43 30.10
CA GLU A 60 3.31 11.64 30.83
C GLU A 60 2.02 11.48 30.04
N LEU A 61 1.56 12.55 29.39
CA LEU A 61 0.34 12.44 28.59
C LEU A 61 0.54 11.46 27.45
N VAL A 62 1.68 11.54 26.76
CA VAL A 62 1.95 10.64 25.65
C VAL A 62 1.95 9.20 26.12
N ASP A 63 2.59 8.93 27.27
CA ASP A 63 2.63 7.57 27.79
C ASP A 63 1.24 7.06 28.13
N GLN A 64 0.44 7.89 28.80
CA GLN A 64 -0.96 7.51 29.04
C GLN A 64 -1.73 7.46 27.73
N TRP A 65 -1.34 8.28 26.75
CA TRP A 65 -2.01 8.27 25.45
C TRP A 65 -1.85 6.93 24.77
N ARG A 66 -0.62 6.43 24.68
CA ARG A 66 -0.40 5.08 24.16
C ARG A 66 -1.16 4.07 25.00
N GLY A 67 -1.11 4.24 26.33
CA GLY A 67 -1.83 3.33 27.21
C GLY A 67 -3.30 3.29 26.89
N CYS A 68 -3.92 4.46 26.74
CA CYS A 68 -5.33 4.51 26.36
C CYS A 68 -5.55 3.83 25.02
N TYR A 69 -4.70 4.11 24.04
CA TYR A 69 -4.77 3.41 22.77
C TYR A 69 -4.59 1.91 22.97
N ARG A 70 -3.52 1.53 23.67
CA ARG A 70 -3.24 0.11 23.89
C ARG A 70 -4.39 -0.57 24.61
N ASP A 71 -4.85 0.02 25.72
CA ASP A 71 -5.96 -0.56 26.46
C ASP A 71 -7.23 -0.60 25.63
N GLU A 72 -7.50 0.48 24.89
CA GLU A 72 -8.69 0.48 24.04
C GLU A 72 -8.61 -0.62 22.99
N LEU A 73 -7.45 -0.75 22.35
CA LEU A 73 -7.29 -1.79 21.34
C LEU A 73 -7.33 -3.17 21.97
N ASP A 74 -6.69 -3.34 23.13
CA ASP A 74 -6.77 -4.61 23.84
C ASP A 74 -8.22 -5.01 24.04
N SER A 75 -9.07 -4.05 24.44
CA SER A 75 -10.47 -4.35 24.67
C SER A 75 -11.20 -4.58 23.35
N LEU A 76 -11.00 -3.69 22.37
CA LEU A 76 -11.67 -3.85 21.09
C LEU A 76 -11.30 -5.16 20.43
N VAL A 77 -10.02 -5.56 20.56
CA VAL A 77 -9.60 -6.88 20.08
C VAL A 77 -10.40 -7.96 20.80
N LYS A 78 -10.50 -7.85 22.13
CA LYS A 78 -11.23 -8.84 22.91
C LYS A 78 -12.69 -8.92 22.50
N GLN A 79 -13.31 -7.78 22.19
CA GLN A 79 -14.69 -7.74 21.72
C GLN A 79 -14.81 -7.94 20.21
N GLU A 80 -13.70 -8.19 19.52
CA GLU A 80 -13.71 -8.36 18.06
C GLU A 80 -14.35 -7.15 17.38
N LYS A 81 -14.13 -5.98 17.95
CA LYS A 81 -14.66 -4.72 17.43
C LYS A 81 -13.52 -3.95 16.78
N TRP A 82 -13.86 -3.18 15.77
CA TRP A 82 -12.90 -2.28 15.14
C TRP A 82 -13.40 -0.85 15.19
N ARG A 83 -12.47 0.06 15.47
CA ARG A 83 -12.74 1.49 15.49
C ARG A 83 -11.61 2.17 14.74
N SER A 84 -11.90 3.34 14.18
CA SER A 84 -10.83 4.15 13.62
C SER A 84 -9.80 4.39 14.70
N VAL A 85 -8.56 3.98 14.42
CA VAL A 85 -7.50 4.17 15.41
C VAL A 85 -7.21 5.65 15.59
N ARG A 86 -7.39 6.44 14.54
CA ARG A 86 -7.31 7.89 14.69
C ARG A 86 -8.37 8.39 15.66
N ALA A 87 -9.58 7.84 15.57
CA ALA A 87 -10.61 8.17 16.56
C ALA A 87 -10.18 7.73 17.96
N VAL A 88 -9.57 6.53 18.05
CA VAL A 88 -9.06 6.06 19.34
C VAL A 88 -8.03 7.04 19.89
N TYR A 89 -7.10 7.46 19.03
CA TYR A 89 -6.10 8.45 19.46
C TYR A 89 -6.77 9.77 19.82
N ARG A 90 -7.70 10.23 18.99
CA ARG A 90 -8.35 11.52 19.24
C ARG A 90 -9.17 11.48 20.51
N ASP A 91 -10.04 10.47 20.65
CA ASP A 91 -10.92 10.39 21.81
C ASP A 91 -10.10 10.26 23.09
N SER A 92 -9.08 9.39 23.08
CA SER A 92 -8.24 9.25 24.26
C SER A 92 -7.49 10.54 24.55
N LEU A 93 -6.99 11.20 23.50
CA LEU A 93 -6.35 12.50 23.70
C LEU A 93 -7.32 13.51 24.27
N ILE A 94 -8.55 13.54 23.75
CA ILE A 94 -9.55 14.48 24.26
C ILE A 94 -9.81 14.23 25.73
N ASN A 95 -9.92 12.96 26.12
CA ASN A 95 -10.05 12.63 27.54
C ASN A 95 -8.79 13.01 28.30
N LEU A 96 -7.62 12.75 27.72
CA LEU A 96 -6.38 13.14 28.39
C LEU A 96 -6.26 14.64 28.50
N LEU A 97 -6.64 15.37 27.46
CA LEU A 97 -6.59 16.83 27.53
C LEU A 97 -7.48 17.35 28.65
N ALA A 98 -8.68 16.76 28.80
CA ALA A 98 -9.54 17.13 29.91
C ALA A 98 -8.88 16.81 31.25
N LYS A 99 -8.27 15.62 31.36
CA LYS A 99 -7.61 15.23 32.60
C LYS A 99 -6.44 16.17 32.89
N PHE A 100 -5.69 16.56 31.88
CA PHE A 100 -4.55 17.45 32.03
C PHE A 100 -4.91 18.91 31.84
N SER A 101 -6.20 19.23 31.75
CA SER A 101 -6.63 20.58 31.40
C SER A 101 -6.25 21.64 32.43
N ASP A 102 -5.83 21.23 33.63
CA ASP A 102 -5.35 22.21 34.59
C ASP A 102 -3.94 22.69 34.24
N SER A 103 -3.13 21.83 33.61
CA SER A 103 -1.75 22.19 33.30
C SER A 103 -1.61 22.87 31.94
N PHE A 104 -2.44 22.51 30.98
CA PHE A 104 -2.42 23.13 29.67
C PHE A 104 -3.75 22.84 29.00
N CYS A 105 -4.00 23.53 27.90
CA CYS A 105 -5.21 23.33 27.13
C CYS A 105 -4.85 23.16 25.66
N ALA A 106 -5.81 22.68 24.88
CA ALA A 106 -5.64 22.55 23.45
C ALA A 106 -6.93 22.91 22.75
N THR A 107 -6.82 23.69 21.68
CA THR A 107 -7.97 23.99 20.85
C THR A 107 -8.39 22.73 20.09
N SER A 108 -9.59 22.79 19.51
CA SER A 108 -10.06 21.70 18.67
C SER A 108 -9.08 21.43 17.53
N ALA A 109 -8.56 22.49 16.91
CA ALA A 109 -7.60 22.32 15.84
C ALA A 109 -6.32 21.65 16.35
N GLU A 110 -5.86 22.04 17.54
CA GLU A 110 -4.65 21.44 18.09
C GLU A 110 -4.86 19.99 18.48
N VAL A 111 -6.07 19.63 18.90
CA VAL A 111 -6.38 18.21 19.14
C VAL A 111 -6.17 17.42 17.86
N GLU A 112 -6.68 17.94 16.75
CA GLU A 112 -6.42 17.30 15.46
C GLU A 112 -4.93 17.26 15.18
N LEU A 113 -4.24 18.40 15.36
CA LEU A 113 -2.82 18.45 15.07
C LEU A 113 -2.04 17.52 16.01
N LEU A 114 -2.42 17.50 17.30
CA LEU A 114 -1.76 16.59 18.24
C LEU A 114 -2.01 15.14 17.87
N THR A 115 -3.26 14.82 17.49
CA THR A 115 -3.57 13.47 17.05
C THR A 115 -2.84 13.12 15.76
N ASP A 116 -2.54 14.12 14.94
CA ASP A 116 -1.77 13.90 13.71
C ASP A 116 -0.41 13.31 13.99
N GLY A 117 0.15 13.53 15.20
CA GLY A 117 1.48 13.04 15.50
C GLY A 117 1.59 11.54 15.43
N TRP A 118 0.48 10.82 15.64
CA TRP A 118 0.50 9.38 15.46
C TRP A 118 0.61 8.99 14.00
N GLU A 119 0.35 9.91 13.08
CA GLU A 119 0.58 9.71 11.67
C GLU A 119 1.86 10.37 11.21
N ARG A 120 2.67 10.88 12.14
CA ARG A 120 3.96 11.47 11.84
C ARG A 120 5.09 10.69 12.51
N LEU A 121 4.87 9.42 12.78
CA LEU A 121 5.84 8.64 13.54
C LEU A 121 7.19 8.61 12.82
N ARG A 122 8.25 8.94 13.55
CA ARG A 122 9.59 8.80 13.03
C ARG A 122 10.05 7.36 13.21
N SER A 123 10.77 6.84 12.23
CA SER A 123 11.26 5.48 12.36
C SER A 123 12.50 5.45 13.24
N TRP A 124 12.79 4.26 13.77
CA TRP A 124 14.08 4.04 14.38
C TRP A 124 15.16 4.17 13.31
N PRO A 125 16.40 4.52 13.68
CA PRO A 125 17.43 4.78 12.66
C PRO A 125 17.72 3.60 11.76
N ASP A 126 17.39 2.38 12.19
CA ASP A 126 17.70 1.18 11.42
C ASP A 126 16.66 0.90 10.35
N VAL A 127 15.42 1.34 10.55
CA VAL A 127 14.28 0.85 9.77
C VAL A 127 14.36 1.19 8.29
N PRO A 128 14.64 2.44 7.89
CA PRO A 128 14.70 2.71 6.44
C PRO A 128 15.72 1.85 5.70
N SER A 129 16.95 1.80 6.19
CA SER A 129 17.95 0.93 5.55
C SER A 129 17.59 -0.53 5.74
N GLY A 130 17.08 -0.89 6.91
CA GLY A 130 16.71 -2.28 7.14
C GLY A 130 15.57 -2.73 6.26
N LEU A 131 14.53 -1.90 6.11
CA LEU A 131 13.43 -2.23 5.22
C LEU A 131 13.92 -2.36 3.78
N GLU A 132 14.75 -1.41 3.34
CA GLU A 132 15.26 -1.46 1.97
C GLU A 132 16.12 -2.69 1.74
N GLN A 133 16.98 -3.02 2.71
CA GLN A 133 17.81 -4.21 2.57
C GLN A 133 16.96 -5.47 2.47
N LEU A 134 15.85 -5.52 3.22
CA LEU A 134 14.96 -6.66 3.12
C LEU A 134 14.25 -6.71 1.77
N ARG A 135 14.04 -5.55 1.13
CA ARG A 135 13.33 -5.52 -0.14
C ARG A 135 14.00 -6.36 -1.21
N SER A 136 15.33 -6.46 -1.17
CA SER A 136 16.06 -7.19 -2.20
C SER A 136 15.74 -8.68 -2.20
N LYS A 137 15.30 -9.23 -1.08
CA LYS A 137 15.02 -10.65 -0.98
C LYS A 137 13.61 -10.99 -0.52
N TYR A 138 12.83 -10.02 -0.06
CA TYR A 138 11.50 -10.27 0.45
C TYR A 138 10.55 -9.17 0.03
N LEU A 139 9.28 -9.50 -0.03
CA LEU A 139 8.26 -8.48 0.04
C LEU A 139 8.21 -7.96 1.47
N VAL A 140 8.15 -6.65 1.63
CA VAL A 140 7.98 -6.04 2.94
C VAL A 140 6.65 -5.30 2.94
N ALA A 141 5.80 -5.64 3.89
CA ALA A 141 4.47 -5.06 3.99
C ALA A 141 4.21 -4.66 5.42
N ALA A 142 3.64 -3.48 5.60
CA ALA A 142 3.17 -3.07 6.91
C ALA A 142 1.84 -3.74 7.20
N LEU A 143 1.73 -4.28 8.40
CA LEU A 143 0.43 -4.69 8.96
C LEU A 143 0.33 -3.98 10.29
N THR A 144 -0.45 -2.91 10.33
CA THR A 144 -0.58 -2.08 11.51
C THR A 144 -2.04 -2.03 11.93
N ASN A 145 -2.24 -1.77 13.22
CA ASN A 145 -3.59 -1.47 13.68
C ASN A 145 -3.98 -0.03 13.38
N ALA A 146 -2.99 0.84 13.15
CA ALA A 146 -3.28 2.21 12.74
C ALA A 146 -4.16 2.20 11.50
N ASP A 147 -5.01 3.21 11.39
CA ASP A 147 -5.85 3.32 10.20
C ASP A 147 -4.98 3.40 8.96
N PHE A 148 -5.58 3.04 7.82
CA PHE A 148 -4.84 3.01 6.57
C PHE A 148 -4.19 4.35 6.28
N SER A 149 -4.91 5.45 6.54
CA SER A 149 -4.34 6.77 6.29
C SER A 149 -3.15 7.04 7.20
N ALA A 150 -3.21 6.57 8.44
CA ALA A 150 -2.11 6.82 9.37
C ALA A 150 -0.84 6.14 8.91
N ILE A 151 -0.92 4.86 8.55
CA ILE A 151 0.29 4.14 8.18
C ILE A 151 0.85 4.68 6.86
N VAL A 152 -0.03 5.07 5.94
CA VAL A 152 0.43 5.70 4.71
C VAL A 152 1.18 6.98 5.03
N ASN A 153 0.62 7.80 5.93
CA ASN A 153 1.30 9.04 6.30
C ASN A 153 2.53 8.76 7.17
N VAL A 154 2.46 7.73 8.02
CA VAL A 154 3.64 7.34 8.79
C VAL A 154 4.76 6.89 7.86
N GLY A 155 4.41 6.24 6.74
CA GLY A 155 5.41 5.90 5.75
C GLY A 155 6.22 7.10 5.32
N ARG A 156 5.57 8.25 5.17
CA ARG A 156 6.27 9.47 4.81
C ARG A 156 7.13 9.98 5.96
N SER A 157 6.60 9.98 7.18
CA SER A 157 7.36 10.53 8.29
C SER A 157 8.48 9.60 8.73
N ALA A 158 8.26 8.30 8.67
CA ALA A 158 9.24 7.32 9.07
C ALA A 158 10.07 6.80 7.91
N LYS A 159 9.81 7.29 6.69
CA LYS A 159 10.48 6.85 5.46
C LYS A 159 10.45 5.33 5.33
N LEU A 160 9.24 4.79 5.36
CA LEU A 160 8.99 3.37 5.19
C LEU A 160 8.51 3.14 3.77
N GLN A 161 9.34 2.50 2.96
CA GLN A 161 8.96 2.10 1.61
C GLN A 161 8.42 0.68 1.68
N TRP A 162 7.14 0.51 1.38
CA TRP A 162 6.48 -0.77 1.51
C TRP A 162 6.16 -1.34 0.13
N ASP A 163 6.19 -2.67 0.04
CA ASP A 163 5.49 -3.32 -1.06
C ASP A 163 3.99 -3.20 -0.88
N ALA A 164 3.53 -3.26 0.37
CA ALA A 164 2.11 -3.22 0.66
C ALA A 164 1.92 -2.56 2.01
N VAL A 165 0.84 -1.80 2.13
CA VAL A 165 0.43 -1.24 3.40
C VAL A 165 -0.89 -1.89 3.77
N LEU A 166 -0.93 -2.52 4.93
CA LEU A 166 -2.13 -3.17 5.42
C LEU A 166 -2.49 -2.58 6.77
N SER A 167 -3.74 -2.20 6.92
CA SER A 167 -4.25 -1.65 8.15
C SER A 167 -5.33 -2.56 8.69
N ALA A 168 -5.53 -2.51 10.02
CA ALA A 168 -6.68 -3.18 10.61
C ALA A 168 -7.97 -2.71 9.94
N GLN A 169 -7.97 -1.46 9.47
CA GLN A 169 -9.11 -0.92 8.74
C GLN A 169 -9.45 -1.76 7.51
N LEU A 170 -8.44 -2.36 6.87
CA LEU A 170 -8.70 -3.20 5.71
C LEU A 170 -9.55 -4.40 6.09
N PHE A 171 -9.40 -4.89 7.31
CA PHE A 171 -10.06 -6.12 7.73
C PHE A 171 -11.16 -5.90 8.73
N GLY A 172 -11.36 -4.68 9.21
CA GLY A 172 -12.33 -4.45 10.27
C GLY A 172 -12.00 -5.23 11.52
N ALA A 173 -10.71 -5.34 11.83
CA ALA A 173 -10.23 -6.17 12.93
C ALA A 173 -8.77 -5.81 13.18
N TYR A 174 -8.42 -5.66 14.45
CA TYR A 174 -7.06 -5.33 14.84
C TYR A 174 -6.21 -6.59 14.96
N LYS A 175 -4.90 -6.41 14.80
CA LYS A 175 -4.00 -7.40 15.36
C LYS A 175 -4.22 -7.46 16.87
N PRO A 176 -4.13 -8.64 17.48
CA PRO A 176 -3.64 -9.92 16.96
C PRO A 176 -4.73 -10.80 16.35
N HIS A 177 -5.88 -10.26 15.96
CA HIS A 177 -6.96 -11.11 15.47
C HIS A 177 -6.52 -11.84 14.21
N ARG A 178 -6.93 -13.10 14.11
CA ARG A 178 -6.41 -14.00 13.09
C ARG A 178 -6.65 -13.45 11.68
N SER A 179 -7.80 -12.82 11.46
CA SER A 179 -8.14 -12.36 10.12
C SER A 179 -7.20 -11.28 9.61
N THR A 180 -6.50 -10.57 10.50
CA THR A 180 -5.49 -9.62 10.02
C THR A 180 -4.32 -10.33 9.36
N TYR A 181 -3.76 -11.33 10.05
CA TYR A 181 -2.67 -12.09 9.45
C TYR A 181 -3.17 -12.92 8.28
N GLU A 182 -4.33 -13.57 8.44
CA GLU A 182 -4.92 -14.30 7.33
C GLU A 182 -5.27 -13.37 6.17
N GLY A 183 -5.86 -12.21 6.48
CA GLY A 183 -6.18 -11.27 5.42
C GLY A 183 -4.94 -10.77 4.72
N ALA A 184 -3.89 -10.48 5.48
CA ALA A 184 -2.63 -10.05 4.87
C ALA A 184 -2.04 -11.16 4.01
N ALA A 185 -2.11 -12.41 4.48
CA ALA A 185 -1.65 -13.53 3.68
C ALA A 185 -2.43 -13.60 2.36
N THR A 186 -3.76 -13.51 2.44
CA THR A 186 -4.57 -13.58 1.24
C THR A 186 -4.28 -12.42 0.31
N LEU A 187 -4.19 -11.20 0.86
CA LEU A 187 -3.91 -10.03 0.03
C LEU A 187 -2.53 -10.13 -0.60
N LEU A 188 -1.52 -10.53 0.18
CA LEU A 188 -0.18 -10.65 -0.37
C LEU A 188 -0.03 -11.85 -1.29
N GLY A 189 -1.02 -12.74 -1.33
CA GLY A 189 -0.89 -13.96 -2.10
C GLY A 189 0.22 -14.86 -1.60
N ILE A 190 0.51 -14.79 -0.30
CA ILE A 190 1.63 -15.50 0.29
C ILE A 190 1.12 -16.29 1.48
N ALA A 191 1.43 -17.59 1.51
CA ALA A 191 0.96 -18.44 2.58
C ALA A 191 1.53 -17.95 3.91
N PRO A 192 0.77 -18.04 5.00
CA PRO A 192 1.28 -17.51 6.28
C PRO A 192 2.61 -18.13 6.68
N SER A 193 2.83 -19.41 6.37
CA SER A 193 4.12 -20.02 6.66
C SER A 193 5.27 -19.34 5.93
N GLU A 194 4.98 -18.65 4.83
CA GLU A 194 5.99 -17.92 4.07
C GLU A 194 6.04 -16.44 4.46
N ILE A 195 5.31 -16.05 5.49
CA ILE A 195 5.30 -14.68 5.99
C ILE A 195 6.06 -14.65 7.31
N LEU A 196 7.07 -13.79 7.38
CA LEU A 196 7.78 -13.52 8.62
C LEU A 196 7.15 -12.29 9.25
N MET A 197 6.34 -12.50 10.28
CA MET A 197 5.81 -11.39 11.06
C MET A 197 6.94 -10.75 11.84
N VAL A 198 7.01 -9.42 11.78
CA VAL A 198 8.03 -8.65 12.48
C VAL A 198 7.32 -7.68 13.41
N ALA A 199 7.64 -7.77 14.70
CA ALA A 199 6.95 -6.95 15.69
C ALA A 199 7.86 -6.76 16.89
N SER A 200 7.65 -5.65 17.60
CA SER A 200 8.30 -5.40 18.88
C SER A 200 7.43 -5.82 20.05
N HIS A 201 6.29 -6.44 19.78
CA HIS A 201 5.37 -6.91 20.81
C HIS A 201 5.16 -8.41 20.61
N ALA A 202 5.27 -9.16 21.69
CA ALA A 202 5.16 -10.62 21.60
C ALA A 202 3.74 -11.06 21.27
N TYR A 203 2.74 -10.27 21.64
CA TYR A 203 1.35 -10.62 21.33
C TYR A 203 1.15 -10.72 19.82
N ASP A 204 1.74 -9.79 19.07
CA ASP A 204 1.59 -9.77 17.62
C ASP A 204 2.19 -11.02 17.01
N LEU A 205 3.39 -11.40 17.46
CA LEU A 205 4.08 -12.55 16.86
C LEU A 205 3.46 -13.86 17.30
N GLU A 206 3.04 -13.97 18.57
CA GLU A 206 2.42 -15.20 19.05
C GLU A 206 1.17 -15.52 18.24
N ALA A 207 0.32 -14.51 18.01
CA ALA A 207 -0.85 -14.73 17.18
C ALA A 207 -0.47 -15.03 15.74
N ALA A 208 0.52 -14.31 15.21
CA ALA A 208 1.02 -14.60 13.87
C ALA A 208 1.65 -15.98 13.82
N ARG A 209 2.33 -16.39 14.89
CA ARG A 209 2.80 -17.76 14.97
C ARG A 209 1.63 -18.74 14.87
N GLU A 210 0.49 -18.39 15.47
CA GLU A 210 -0.67 -19.28 15.50
C GLU A 210 -1.40 -19.33 14.16
N VAL A 211 -1.12 -18.41 13.23
CA VAL A 211 -1.61 -18.57 11.87
C VAL A 211 -0.58 -19.22 10.98
N GLY A 212 0.55 -19.63 11.54
CA GLY A 212 1.62 -20.27 10.80
C GLY A 212 2.73 -19.34 10.36
N ALA A 213 2.63 -18.05 10.65
CA ALA A 213 3.65 -17.10 10.21
C ALA A 213 4.93 -17.27 11.03
N GLY A 214 6.05 -17.05 10.37
CA GLY A 214 7.30 -16.90 11.09
C GLY A 214 7.28 -15.66 11.96
N THR A 215 8.16 -15.64 12.95
CA THR A 215 8.14 -14.59 13.96
C THR A 215 9.53 -13.98 14.10
N ALA A 216 9.59 -12.65 13.99
CA ALA A 216 10.80 -11.91 14.24
C ALA A 216 10.48 -10.85 15.30
N TYR A 217 11.12 -10.96 16.45
CA TYR A 217 10.94 -9.99 17.52
C TYR A 217 12.03 -8.94 17.43
N VAL A 218 11.64 -7.70 17.22
CA VAL A 218 12.57 -6.58 17.20
C VAL A 218 12.54 -5.93 18.57
N ARG A 219 13.66 -5.99 19.28
CA ARG A 219 13.74 -5.36 20.58
C ARG A 219 13.77 -3.85 20.40
N ARG A 220 12.83 -3.16 21.03
CA ARG A 220 12.73 -1.70 21.01
C ARG A 220 12.69 -1.22 22.44
N PRO A 221 13.81 -1.28 23.16
CA PRO A 221 13.79 -0.93 24.59
C PRO A 221 13.37 0.50 24.87
N LEU A 222 13.51 1.41 23.91
CA LEU A 222 13.14 2.81 24.09
C LEU A 222 11.75 3.12 23.57
N GLN A 223 11.01 2.12 23.09
CA GLN A 223 9.71 2.39 22.47
C GLN A 223 8.69 2.90 23.47
N TYR A 224 8.77 2.48 24.73
CA TYR A 224 7.92 3.01 25.78
C TYR A 224 8.67 3.99 26.68
N GLY A 225 9.83 4.46 26.24
CA GLY A 225 10.63 5.37 27.01
C GLY A 225 11.47 4.62 28.03
N PRO A 226 12.34 5.35 28.74
CA PRO A 226 13.12 4.70 29.80
C PRO A 226 12.24 4.05 30.86
N THR A 227 11.17 4.70 31.29
CA THR A 227 10.31 4.13 32.33
C THR A 227 9.51 2.94 31.81
N GLY A 228 9.36 2.80 30.49
CA GLY A 228 8.65 1.67 29.92
C GLY A 228 9.25 0.33 30.29
N ARG A 229 8.39 -0.60 30.71
CA ARG A 229 8.85 -1.94 31.05
C ARG A 229 9.21 -2.71 29.79
N THR A 230 10.38 -3.32 29.78
CA THR A 230 10.82 -4.12 28.63
C THR A 230 10.23 -5.51 28.74
N GLU A 231 9.30 -5.83 27.84
CA GLU A 231 8.71 -7.15 27.76
C GLU A 231 9.79 -8.15 27.35
N ASP A 232 10.21 -8.99 28.28
CA ASP A 232 11.36 -9.86 28.05
C ASP A 232 11.04 -10.95 27.05
N VAL A 233 11.90 -11.07 26.04
CA VAL A 233 11.78 -12.10 25.01
C VAL A 233 13.12 -12.85 24.94
N PRO A 234 13.17 -14.10 25.39
CA PRO A 234 14.41 -14.86 25.29
C PRO A 234 14.67 -15.34 23.87
N ASP A 235 15.92 -15.69 23.61
CA ASP A 235 16.26 -16.32 22.34
C ASP A 235 15.59 -17.68 22.25
N GLY A 236 14.99 -17.96 21.10
CA GLY A 236 14.23 -19.17 20.89
C GLY A 236 12.72 -19.00 21.05
N ARG A 237 12.28 -17.95 21.74
CA ARG A 237 10.85 -17.69 21.87
C ARG A 237 10.22 -17.49 20.51
N PHE A 238 10.85 -16.70 19.66
CA PHE A 238 10.43 -16.46 18.28
C PHE A 238 11.59 -16.82 17.36
N ASP A 239 11.28 -16.93 16.06
CA ASP A 239 12.28 -17.38 15.10
C ASP A 239 13.48 -16.44 15.07
N PHE A 240 13.22 -15.13 15.13
CA PHE A 240 14.28 -14.13 15.09
C PHE A 240 14.14 -13.19 16.27
N LEU A 241 15.25 -12.95 16.96
CA LEU A 241 15.33 -11.95 18.01
C LEU A 241 16.41 -10.96 17.61
N VAL A 242 16.02 -9.74 17.28
CA VAL A 242 16.93 -8.76 16.68
C VAL A 242 16.74 -7.41 17.36
N ASP A 243 17.82 -6.65 17.42
CA ASP A 243 17.81 -5.29 17.93
C ASP A 243 17.53 -4.25 16.84
N SER A 244 17.40 -4.69 15.59
CA SER A 244 17.20 -3.77 14.49
C SER A 244 16.64 -4.54 13.29
N ILE A 245 16.09 -3.79 12.34
CA ILE A 245 15.60 -4.39 11.11
C ILE A 245 16.77 -4.85 10.25
N SER A 246 17.86 -4.06 10.21
CA SER A 246 19.03 -4.44 9.43
C SER A 246 19.63 -5.74 9.94
N GLU A 247 19.67 -5.91 11.26
CA GLU A 247 20.14 -7.17 11.82
C GLU A 247 19.22 -8.31 11.42
N LEU A 248 17.90 -8.06 11.40
CA LEU A 248 16.96 -9.06 10.90
C LEU A 248 17.21 -9.36 9.43
N ALA A 249 17.46 -8.31 8.63
CA ALA A 249 17.82 -8.52 7.24
C ALA A 249 19.12 -9.31 7.12
N ASP A 250 20.09 -9.02 7.98
CA ASP A 250 21.33 -9.79 7.98
C ASP A 250 21.07 -11.24 8.34
N GLN A 251 20.27 -11.48 9.38
CA GLN A 251 19.95 -12.84 9.78
C GLN A 251 19.09 -13.56 8.74
N LEU A 252 18.49 -12.82 7.80
CA LEU A 252 17.69 -13.39 6.73
C LEU A 252 18.46 -13.52 5.43
N GLY A 253 19.77 -13.28 5.44
CA GLY A 253 20.59 -13.45 4.27
C GLY A 253 20.58 -12.27 3.30
N CYS A 254 19.91 -11.18 3.64
CA CYS A 254 19.89 -10.03 2.75
C CYS A 254 21.26 -9.36 2.73
N PRO A 255 21.86 -9.16 1.56
CA PRO A 255 23.14 -8.46 1.49
C PRO A 255 23.00 -7.01 1.93
N ARG A 256 24.08 -6.46 2.48
CA ARG A 256 24.10 -5.08 2.91
C ARG A 256 23.98 -4.16 1.70
N LEU A 257 23.90 -2.86 1.97
CA LEU A 257 23.80 -1.85 0.91
C LEU A 257 24.97 -0.88 0.97
N LEU B 14 -1.94 41.82 -0.41
CA LEU B 14 -2.75 40.81 -1.08
C LEU B 14 -1.91 39.63 -1.53
N VAL B 15 -2.46 38.43 -1.36
CA VAL B 15 -1.75 37.19 -1.66
C VAL B 15 -2.10 36.78 -3.08
N PRO B 16 -1.12 36.60 -3.98
CA PRO B 16 -1.42 36.07 -5.31
C PRO B 16 -2.11 34.71 -5.22
N ARG B 17 -2.97 34.45 -6.20
CA ARG B 17 -3.78 33.23 -6.17
C ARG B 17 -2.90 31.99 -6.12
N GLY B 18 -1.79 31.99 -6.85
CA GLY B 18 -0.91 30.84 -6.89
C GLY B 18 -1.37 29.81 -7.91
N SER B 19 -0.54 28.79 -8.05
CA SER B 19 -0.76 27.76 -9.06
C SER B 19 -0.81 26.34 -8.49
N HIS B 20 -0.75 26.19 -7.16
CA HIS B 20 -0.78 24.88 -6.56
C HIS B 20 -2.12 24.20 -6.82
N MET B 21 -2.09 22.88 -6.97
CA MET B 21 -3.30 22.07 -7.09
C MET B 21 -3.52 21.32 -5.78
N GLN B 22 -4.74 21.42 -5.25
CA GLN B 22 -5.07 20.88 -3.94
C GLN B 22 -5.44 19.41 -4.01
N PHE B 23 -4.58 18.62 -4.64
CA PHE B 23 -4.67 17.17 -4.54
C PHE B 23 -3.77 16.69 -3.42
N ARG B 24 -4.23 15.69 -2.69
CA ARG B 24 -3.41 15.09 -1.64
C ARG B 24 -2.82 13.77 -2.06
N ALA B 25 -3.60 12.95 -2.77
CA ALA B 25 -3.16 11.64 -3.22
C ALA B 25 -3.34 11.54 -4.73
N LEU B 26 -2.40 10.87 -5.37
CA LEU B 26 -2.57 10.44 -6.74
C LEU B 26 -2.92 8.96 -6.73
N LEU B 27 -4.10 8.63 -7.23
CA LEU B 27 -4.54 7.25 -7.37
C LEU B 27 -4.22 6.79 -8.78
N PHE B 28 -3.47 5.70 -8.88
CA PHE B 28 -2.94 5.26 -10.17
C PHE B 28 -3.59 3.96 -10.59
N ASP B 29 -4.27 3.98 -11.72
CA ASP B 29 -4.38 2.76 -12.49
C ASP B 29 -2.97 2.35 -12.90
N VAL B 30 -2.71 1.06 -12.89
CA VAL B 30 -1.35 0.54 -13.02
C VAL B 30 -1.15 -0.16 -14.36
N GLN B 31 -1.97 -1.15 -14.68
CA GLN B 31 -1.81 -1.87 -15.93
C GLN B 31 -2.03 -0.94 -17.11
N GLY B 32 -1.07 -0.92 -18.02
CA GLY B 32 -1.12 0.03 -19.14
C GLY B 32 -0.75 1.44 -18.76
N THR B 33 -1.41 1.99 -17.74
CA THR B 33 -1.11 3.36 -17.32
C THR B 33 0.32 3.52 -16.85
N LEU B 34 0.81 2.55 -16.09
CA LEU B 34 2.17 2.56 -15.60
C LEU B 34 3.02 1.43 -16.13
N THR B 35 2.41 0.37 -16.62
CA THR B 35 3.12 -0.84 -16.97
C THR B 35 2.89 -1.19 -18.43
N ASP B 36 3.97 -1.57 -19.10
CA ASP B 36 3.89 -2.14 -20.43
C ASP B 36 3.48 -3.60 -20.27
N PHE B 37 2.18 -3.82 -20.11
CA PHE B 37 1.68 -5.19 -19.97
C PHE B 37 1.82 -5.97 -21.26
N ARG B 38 1.50 -5.32 -22.39
CA ARG B 38 1.45 -6.05 -23.65
C ARG B 38 2.83 -6.58 -24.03
N SER B 39 3.84 -5.72 -23.98
CA SER B 39 5.20 -6.18 -24.27
C SER B 39 5.62 -7.26 -23.30
N THR B 40 5.32 -7.08 -22.01
CA THR B 40 5.61 -8.11 -21.03
C THR B 40 4.90 -9.42 -21.38
N LEU B 41 3.58 -9.36 -21.59
CA LEU B 41 2.83 -10.58 -21.87
C LEU B 41 3.28 -11.22 -23.17
N ILE B 42 3.58 -10.41 -24.18
CA ILE B 42 4.08 -10.95 -25.44
C ILE B 42 5.41 -11.65 -25.23
N GLU B 43 6.36 -10.95 -24.61
CA GLU B 43 7.69 -11.54 -24.40
C GLU B 43 7.61 -12.73 -23.47
N HIS B 44 6.83 -12.61 -22.40
CA HIS B 44 6.67 -13.73 -21.46
C HIS B 44 6.12 -14.96 -22.18
N GLY B 45 5.04 -14.78 -22.93
CA GLY B 45 4.45 -15.92 -23.62
C GLY B 45 5.38 -16.54 -24.64
N LEU B 46 6.05 -15.71 -25.44
CA LEU B 46 6.98 -16.23 -26.42
C LEU B 46 8.14 -16.96 -25.73
N SER B 47 8.61 -16.44 -24.60
CA SER B 47 9.65 -17.13 -23.85
C SER B 47 9.16 -18.47 -23.32
N ILE B 48 7.95 -18.51 -22.78
CA ILE B 48 7.41 -19.75 -22.22
C ILE B 48 7.09 -20.74 -23.32
N LEU B 49 6.43 -20.28 -24.38
CA LEU B 49 5.93 -21.17 -25.41
C LEU B 49 6.96 -21.47 -26.50
N GLY B 50 8.03 -20.68 -26.58
CA GLY B 50 9.08 -20.98 -27.54
C GLY B 50 8.56 -21.06 -28.96
N ASP B 51 8.98 -22.10 -29.67
CA ASP B 51 8.66 -22.28 -31.08
C ASP B 51 7.23 -22.74 -31.32
N ARG B 52 6.44 -22.95 -30.27
CA ARG B 52 5.06 -23.38 -30.45
C ARG B 52 4.17 -22.24 -30.92
N VAL B 53 4.52 -21.00 -30.61
CA VAL B 53 3.72 -19.85 -30.99
C VAL B 53 4.63 -18.83 -31.66
N ASP B 54 4.14 -18.24 -32.73
CA ASP B 54 4.84 -17.13 -33.36
C ASP B 54 4.35 -15.83 -32.74
N ARG B 55 5.16 -14.78 -32.91
CA ARG B 55 4.86 -13.50 -32.27
C ARG B 55 3.47 -13.00 -32.64
N GLU B 56 3.14 -13.03 -33.93
CA GLU B 56 1.84 -12.51 -34.35
C GLU B 56 0.70 -13.31 -33.74
N LEU B 57 0.81 -14.64 -33.78
CA LEU B 57 -0.24 -15.47 -33.19
C LEU B 57 -0.33 -15.23 -31.69
N TRP B 58 0.83 -15.17 -31.01
CA TRP B 58 0.82 -14.87 -29.58
C TRP B 58 0.33 -13.45 -29.30
N GLU B 59 0.74 -12.49 -30.12
CA GLU B 59 0.26 -11.12 -29.95
C GLU B 59 -1.25 -11.04 -30.05
N GLU B 60 -1.82 -11.77 -31.00
CA GLU B 60 -3.27 -11.76 -31.13
C GLU B 60 -3.93 -12.37 -29.91
N LEU B 61 -3.36 -13.46 -29.37
CA LEU B 61 -3.91 -14.04 -28.15
C LEU B 61 -3.80 -13.06 -26.99
N VAL B 62 -2.65 -12.41 -26.85
CA VAL B 62 -2.45 -11.44 -25.78
C VAL B 62 -3.46 -10.30 -25.90
N ASP B 63 -3.67 -9.80 -27.12
CA ASP B 63 -4.68 -8.75 -27.31
C ASP B 63 -6.08 -9.26 -26.98
N GLN B 64 -6.40 -10.48 -27.43
CA GLN B 64 -7.67 -11.09 -27.05
C GLN B 64 -7.70 -11.38 -25.55
N TRP B 65 -6.53 -11.60 -24.94
CA TRP B 65 -6.45 -11.88 -23.51
C TRP B 65 -6.92 -10.69 -22.69
N ARG B 66 -6.40 -9.50 -22.99
CA ARG B 66 -6.85 -8.33 -22.23
C ARG B 66 -8.29 -8.00 -22.55
N GLY B 67 -8.71 -8.20 -23.81
CA GLY B 67 -10.11 -8.01 -24.15
C GLY B 67 -11.01 -8.93 -23.34
N CYS B 68 -10.63 -10.21 -23.22
CA CYS B 68 -11.40 -11.13 -22.41
C CYS B 68 -11.41 -10.71 -20.95
N TYR B 69 -10.25 -10.30 -20.43
CA TYR B 69 -10.18 -9.78 -19.08
C TYR B 69 -11.07 -8.55 -18.91
N ARG B 70 -10.99 -7.60 -19.85
CA ARG B 70 -11.83 -6.42 -19.78
C ARG B 70 -13.30 -6.78 -19.94
N ASP B 71 -13.63 -7.68 -20.87
CA ASP B 71 -15.01 -8.11 -21.02
C ASP B 71 -15.52 -8.77 -19.75
N GLU B 72 -14.72 -9.64 -19.15
CA GLU B 72 -15.12 -10.29 -17.91
C GLU B 72 -15.23 -9.29 -16.77
N LEU B 73 -14.29 -8.36 -16.69
CA LEU B 73 -14.36 -7.35 -15.63
C LEU B 73 -15.52 -6.39 -15.86
N ASP B 74 -15.82 -6.08 -17.12
CA ASP B 74 -17.02 -5.30 -17.41
C ASP B 74 -18.27 -6.07 -16.99
N SER B 75 -18.30 -7.38 -17.25
CA SER B 75 -19.44 -8.19 -16.86
C SER B 75 -19.57 -8.27 -15.35
N LEU B 76 -18.47 -8.48 -14.64
CA LEU B 76 -18.53 -8.57 -13.19
C LEU B 76 -18.96 -7.25 -12.56
N VAL B 77 -18.45 -6.13 -13.09
CA VAL B 77 -18.87 -4.82 -12.62
C VAL B 77 -20.37 -4.65 -12.83
N LYS B 78 -20.89 -5.17 -13.96
CA LYS B 78 -22.31 -5.08 -14.24
C LYS B 78 -23.14 -5.74 -13.15
N GLN B 79 -22.71 -6.91 -12.67
CA GLN B 79 -23.43 -7.63 -11.62
C GLN B 79 -22.87 -7.37 -10.23
N GLU B 80 -21.99 -6.36 -10.09
CA GLU B 80 -21.42 -5.99 -8.79
C GLU B 80 -20.73 -7.18 -8.12
N LYS B 81 -19.98 -7.94 -8.91
CA LYS B 81 -19.29 -9.14 -8.46
C LYS B 81 -17.79 -8.89 -8.54
N TRP B 82 -17.06 -9.38 -7.55
CA TRP B 82 -15.60 -9.41 -7.58
C TRP B 82 -15.11 -10.84 -7.54
N ARG B 83 -14.15 -11.17 -8.41
CA ARG B 83 -13.42 -12.42 -8.28
C ARG B 83 -11.94 -12.14 -8.49
N SER B 84 -11.11 -13.12 -8.15
CA SER B 84 -9.67 -13.00 -8.33
C SER B 84 -9.36 -12.68 -9.78
N VAL B 85 -8.74 -11.52 -10.00
CA VAL B 85 -8.41 -11.11 -11.35
C VAL B 85 -7.37 -12.04 -11.97
N ARG B 86 -6.45 -12.54 -11.15
CA ARG B 86 -5.57 -13.60 -11.63
C ARG B 86 -6.37 -14.75 -12.19
N ALA B 87 -7.43 -15.16 -11.50
CA ALA B 87 -8.33 -16.17 -12.04
C ALA B 87 -9.02 -15.67 -13.29
N VAL B 88 -9.35 -14.38 -13.36
CA VAL B 88 -9.91 -13.82 -14.59
C VAL B 88 -8.92 -13.95 -15.73
N TYR B 89 -7.66 -13.58 -15.48
CA TYR B 89 -6.63 -13.73 -16.51
C TYR B 89 -6.44 -15.19 -16.88
N ARG B 90 -6.42 -16.08 -15.89
CA ARG B 90 -6.22 -17.49 -16.16
C ARG B 90 -7.39 -18.08 -16.92
N ASP B 91 -8.62 -17.80 -16.46
CA ASP B 91 -9.80 -18.34 -17.13
C ASP B 91 -9.88 -17.85 -18.57
N SER B 92 -9.63 -16.57 -18.79
CA SER B 92 -9.66 -16.04 -20.15
C SER B 92 -8.57 -16.66 -21.01
N LEU B 93 -7.38 -16.86 -20.44
CA LEU B 93 -6.32 -17.55 -21.16
C LEU B 93 -6.73 -18.98 -21.51
N ILE B 94 -7.36 -19.68 -20.56
CA ILE B 94 -7.83 -21.04 -20.83
C ILE B 94 -8.79 -21.05 -22.00
N ASN B 95 -9.72 -20.08 -22.04
CA ASN B 95 -10.66 -19.99 -23.16
C ASN B 95 -9.92 -19.74 -24.47
N LEU B 96 -8.96 -18.81 -24.45
CA LEU B 96 -8.22 -18.49 -25.68
C LEU B 96 -7.32 -19.63 -26.12
N LEU B 97 -6.75 -20.38 -25.18
CA LEU B 97 -5.97 -21.55 -25.56
C LEU B 97 -6.85 -22.62 -26.20
N ALA B 98 -8.11 -22.71 -25.80
CA ALA B 98 -9.04 -23.62 -26.46
C ALA B 98 -9.30 -23.20 -27.90
N LYS B 99 -9.48 -21.90 -28.14
CA LYS B 99 -9.74 -21.43 -29.50
C LYS B 99 -8.49 -21.53 -30.37
N PHE B 100 -7.30 -21.48 -29.77
CA PHE B 100 -6.04 -21.66 -30.49
C PHE B 100 -5.44 -23.04 -30.25
N SER B 101 -6.24 -24.00 -29.79
CA SER B 101 -5.72 -25.32 -29.48
C SER B 101 -5.23 -26.04 -30.73
N ASP B 102 -5.82 -25.75 -31.89
CA ASP B 102 -5.33 -26.34 -33.13
C ASP B 102 -3.92 -25.87 -33.47
N SER B 103 -3.53 -24.70 -32.98
CA SER B 103 -2.24 -24.12 -33.32
C SER B 103 -1.16 -24.50 -32.31
N PHE B 104 -1.45 -24.37 -31.03
CA PHE B 104 -0.51 -24.75 -29.99
C PHE B 104 -1.30 -25.14 -28.75
N CYS B 105 -0.59 -25.69 -27.78
CA CYS B 105 -1.16 -26.08 -26.51
C CYS B 105 -0.25 -25.57 -25.40
N ALA B 106 -0.81 -25.45 -24.20
CA ALA B 106 -0.04 -25.16 -23.03
C ALA B 106 -0.48 -26.09 -21.91
N THR B 107 0.47 -26.55 -21.11
CA THR B 107 0.12 -27.28 -19.91
C THR B 107 -0.51 -26.33 -18.90
N SER B 108 -1.11 -26.91 -17.87
CA SER B 108 -1.52 -26.12 -16.72
C SER B 108 -0.33 -25.33 -16.18
N ALA B 109 0.81 -26.00 -15.98
CA ALA B 109 1.99 -25.31 -15.47
C ALA B 109 2.34 -24.11 -16.35
N GLU B 110 2.28 -24.27 -17.67
CA GLU B 110 2.53 -23.15 -18.56
C GLU B 110 1.42 -22.11 -18.48
N VAL B 111 0.18 -22.54 -18.29
CA VAL B 111 -0.91 -21.58 -18.11
C VAL B 111 -0.70 -20.75 -16.86
N GLU B 112 -0.31 -21.40 -15.76
CA GLU B 112 0.08 -20.66 -14.55
C GLU B 112 1.23 -19.71 -14.84
N LEU B 113 2.26 -20.19 -15.53
CA LEU B 113 3.38 -19.32 -15.88
C LEU B 113 2.95 -18.18 -16.79
N LEU B 114 2.10 -18.47 -17.77
CA LEU B 114 1.62 -17.43 -18.68
C LEU B 114 0.83 -16.38 -17.92
N THR B 115 -0.04 -16.81 -17.00
CA THR B 115 -0.81 -15.88 -16.20
C THR B 115 0.10 -15.00 -15.34
N ASP B 116 1.21 -15.56 -14.87
CA ASP B 116 2.15 -14.81 -14.04
C ASP B 116 2.68 -13.58 -14.77
N GLY B 117 2.71 -13.61 -16.10
CA GLY B 117 3.19 -12.48 -16.86
C GLY B 117 2.43 -11.20 -16.56
N TRP B 118 1.14 -11.31 -16.27
CA TRP B 118 0.38 -10.15 -15.85
C TRP B 118 0.87 -9.61 -14.51
N GLU B 119 1.66 -10.38 -13.79
CA GLU B 119 2.26 -9.94 -12.53
C GLU B 119 3.73 -9.62 -12.66
N ARG B 120 4.32 -9.76 -13.85
CA ARG B 120 5.70 -9.39 -14.10
C ARG B 120 5.80 -8.19 -15.04
N LEU B 121 4.75 -7.37 -15.09
CA LEU B 121 4.74 -6.21 -15.97
C LEU B 121 5.91 -5.29 -15.69
N ARG B 122 6.64 -4.92 -16.73
CA ARG B 122 7.61 -3.85 -16.60
C ARG B 122 6.90 -2.51 -16.71
N SER B 123 7.45 -1.50 -16.06
CA SER B 123 6.86 -0.19 -16.15
C SER B 123 7.37 0.54 -17.39
N TRP B 124 6.58 1.52 -17.83
CA TRP B 124 7.09 2.48 -18.79
C TRP B 124 8.28 3.22 -18.17
N PRO B 125 9.25 3.63 -18.99
CA PRO B 125 10.49 4.19 -18.42
C PRO B 125 10.26 5.43 -17.58
N ASP B 126 9.18 6.17 -17.83
CA ASP B 126 8.91 7.39 -17.07
C ASP B 126 8.40 7.10 -15.66
N VAL B 127 7.76 5.95 -15.46
CA VAL B 127 6.93 5.73 -14.28
C VAL B 127 7.71 5.75 -12.97
N PRO B 128 8.78 4.95 -12.79
CA PRO B 128 9.42 4.92 -11.46
C PRO B 128 9.95 6.27 -11.03
N SER B 129 10.61 7.00 -11.91
CA SER B 129 11.05 8.35 -11.59
C SER B 129 9.85 9.27 -11.41
N GLY B 130 8.83 9.12 -12.25
CA GLY B 130 7.65 9.95 -12.11
C GLY B 130 6.94 9.74 -10.78
N LEU B 131 6.78 8.47 -10.37
CA LEU B 131 6.17 8.18 -9.09
C LEU B 131 6.98 8.76 -7.94
N GLU B 132 8.30 8.58 -7.98
CA GLU B 132 9.15 9.15 -6.93
C GLU B 132 9.10 10.66 -6.94
N GLN B 133 9.10 11.26 -8.14
CA GLN B 133 9.01 12.72 -8.25
C GLN B 133 7.70 13.23 -7.65
N LEU B 134 6.62 12.47 -7.82
CA LEU B 134 5.33 12.83 -7.23
C LEU B 134 5.32 12.71 -5.72
N ARG B 135 6.21 11.90 -5.15
CA ARG B 135 6.24 11.71 -3.70
C ARG B 135 6.47 13.01 -2.96
N SER B 136 7.24 13.93 -3.54
CA SER B 136 7.62 15.16 -2.85
C SER B 136 6.42 16.01 -2.47
N LYS B 137 5.29 15.83 -3.14
CA LYS B 137 4.09 16.61 -2.82
C LYS B 137 2.84 15.77 -2.60
N TYR B 138 2.76 14.55 -3.13
CA TYR B 138 1.53 13.79 -3.09
C TYR B 138 1.80 12.36 -2.64
N LEU B 139 0.82 11.80 -1.93
CA LEU B 139 0.76 10.37 -1.78
C LEU B 139 0.46 9.74 -3.13
N VAL B 140 1.19 8.68 -3.48
CA VAL B 140 0.88 7.91 -4.68
C VAL B 140 0.41 6.54 -4.24
N ALA B 141 -0.80 6.19 -4.64
CA ALA B 141 -1.37 4.90 -4.32
C ALA B 141 -1.85 4.24 -5.59
N ALA B 142 -1.46 2.98 -5.79
CA ALA B 142 -2.05 2.20 -6.85
C ALA B 142 -3.51 1.93 -6.51
N LEU B 143 -4.39 2.17 -7.47
CA LEU B 143 -5.78 1.73 -7.38
C LEU B 143 -6.00 0.88 -8.62
N THR B 144 -5.72 -0.41 -8.49
CA THR B 144 -5.75 -1.33 -9.61
C THR B 144 -6.86 -2.33 -9.43
N ASN B 145 -7.43 -2.77 -10.56
CA ASN B 145 -8.38 -3.88 -10.52
C ASN B 145 -7.70 -5.21 -10.29
N ALA B 146 -6.39 -5.27 -10.54
CA ALA B 146 -5.66 -6.52 -10.34
C ALA B 146 -5.69 -6.90 -8.87
N ASP B 147 -5.57 -8.21 -8.61
CA ASP B 147 -5.51 -8.68 -7.24
C ASP B 147 -4.40 -7.97 -6.49
N PHE B 148 -4.58 -7.86 -5.18
CA PHE B 148 -3.60 -7.17 -4.34
C PHE B 148 -2.21 -7.79 -4.48
N SER B 149 -2.13 -9.11 -4.53
CA SER B 149 -0.84 -9.76 -4.73
C SER B 149 -0.24 -9.40 -6.09
N ALA B 150 -1.09 -9.32 -7.12
CA ALA B 150 -0.59 -9.04 -8.45
C ALA B 150 0.06 -7.66 -8.51
N ILE B 151 -0.62 -6.66 -7.94
CA ILE B 151 -0.05 -5.31 -7.94
C ILE B 151 1.19 -5.24 -7.06
N VAL B 152 1.17 -5.95 -5.93
CA VAL B 152 2.39 -6.04 -5.13
C VAL B 152 3.51 -6.66 -5.95
N ASN B 153 3.16 -7.67 -6.77
CA ASN B 153 4.17 -8.32 -7.59
C ASN B 153 4.65 -7.42 -8.71
N VAL B 154 3.72 -6.78 -9.44
CA VAL B 154 4.17 -5.90 -10.53
C VAL B 154 4.97 -4.74 -9.98
N GLY B 155 4.73 -4.37 -8.72
CA GLY B 155 5.53 -3.33 -8.11
C GLY B 155 7.00 -3.67 -8.07
N ARG B 156 7.32 -4.95 -7.96
CA ARG B 156 8.72 -5.37 -8.03
C ARG B 156 9.23 -5.39 -9.46
N SER B 157 8.45 -5.93 -10.39
CA SER B 157 8.90 -6.04 -11.77
C SER B 157 8.86 -4.69 -12.48
N ALA B 158 7.90 -3.83 -12.13
CA ALA B 158 7.78 -2.51 -12.70
C ALA B 158 8.44 -1.42 -11.87
N LYS B 159 9.10 -1.79 -10.77
CA LYS B 159 9.78 -0.84 -9.88
C LYS B 159 8.82 0.27 -9.45
N LEU B 160 7.66 -0.13 -8.95
CA LEU B 160 6.66 0.81 -8.45
C LEU B 160 6.80 0.92 -6.93
N GLN B 161 7.13 2.13 -6.47
CA GLN B 161 7.20 2.42 -5.04
C GLN B 161 5.95 3.22 -4.67
N TRP B 162 5.06 2.59 -3.93
CA TRP B 162 3.80 3.19 -3.53
C TRP B 162 3.83 3.61 -2.07
N ASP B 163 3.04 4.63 -1.74
CA ASP B 163 2.64 4.84 -0.36
C ASP B 163 1.59 3.84 0.07
N ALA B 164 0.76 3.42 -0.89
CA ALA B 164 -0.31 2.48 -0.61
C ALA B 164 -0.59 1.68 -1.87
N VAL B 165 -0.72 0.38 -1.71
CA VAL B 165 -1.21 -0.49 -2.77
C VAL B 165 -2.68 -0.76 -2.48
N LEU B 166 -3.54 -0.37 -3.41
CA LEU B 166 -4.97 -0.61 -3.29
C LEU B 166 -5.44 -1.45 -4.47
N SER B 167 -6.31 -2.39 -4.18
CA SER B 167 -6.78 -3.32 -5.18
C SER B 167 -8.30 -3.36 -5.13
N ALA B 168 -8.90 -3.71 -6.26
CA ALA B 168 -10.31 -4.03 -6.27
C ALA B 168 -10.62 -5.10 -5.24
N GLN B 169 -9.63 -5.96 -4.95
CA GLN B 169 -9.79 -7.01 -3.95
C GLN B 169 -10.14 -6.43 -2.59
N LEU B 170 -9.47 -5.34 -2.20
CA LEU B 170 -9.76 -4.71 -0.91
C LEU B 170 -11.22 -4.26 -0.82
N PHE B 171 -11.80 -3.84 -1.94
CA PHE B 171 -13.14 -3.28 -1.94
C PHE B 171 -14.21 -4.27 -2.38
N GLY B 172 -13.82 -5.47 -2.80
CA GLY B 172 -14.79 -6.42 -3.31
C GLY B 172 -15.54 -5.90 -4.51
N ALA B 173 -14.90 -5.04 -5.30
CA ALA B 173 -15.53 -4.39 -6.44
C ALA B 173 -14.44 -3.83 -7.33
N TYR B 174 -14.64 -3.90 -8.63
CA TYR B 174 -13.69 -3.37 -9.58
C TYR B 174 -14.01 -1.91 -9.89
N LYS B 175 -12.98 -1.16 -10.23
CA LYS B 175 -13.22 0.05 -10.99
C LYS B 175 -13.96 -0.35 -12.27
N PRO B 176 -14.92 0.46 -12.73
CA PRO B 176 -15.26 1.83 -12.33
C PRO B 176 -16.20 1.97 -11.14
N HIS B 177 -16.51 0.92 -10.37
CA HIS B 177 -17.48 1.05 -9.30
C HIS B 177 -17.01 2.09 -8.29
N ARG B 178 -17.93 2.97 -7.89
CA ARG B 178 -17.58 4.14 -7.09
C ARG B 178 -16.91 3.76 -5.78
N SER B 179 -17.26 2.59 -5.22
CA SER B 179 -16.70 2.18 -3.94
C SER B 179 -15.19 2.02 -4.00
N THR B 180 -14.62 1.77 -5.19
CA THR B 180 -13.18 1.63 -5.31
C THR B 180 -12.49 2.97 -5.09
N TYR B 181 -12.95 4.02 -5.77
CA TYR B 181 -12.34 5.33 -5.60
C TYR B 181 -12.70 5.92 -4.24
N GLU B 182 -13.98 5.84 -3.86
CA GLU B 182 -14.38 6.36 -2.56
C GLU B 182 -13.75 5.55 -1.44
N GLY B 183 -13.68 4.23 -1.59
CA GLY B 183 -12.98 3.42 -0.61
C GLY B 183 -11.50 3.76 -0.53
N ALA B 184 -10.87 3.96 -1.69
CA ALA B 184 -9.48 4.41 -1.68
C ALA B 184 -9.35 5.75 -1.01
N ALA B 185 -10.27 6.68 -1.29
CA ALA B 185 -10.27 7.96 -0.60
C ALA B 185 -10.44 7.78 0.90
N THR B 186 -11.39 6.93 1.30
CA THR B 186 -11.60 6.67 2.72
C THR B 186 -10.37 6.07 3.37
N LEU B 187 -9.74 5.10 2.70
CA LEU B 187 -8.53 4.49 3.25
C LEU B 187 -7.40 5.50 3.37
N LEU B 188 -7.21 6.32 2.34
CA LEU B 188 -6.15 7.33 2.36
C LEU B 188 -6.47 8.49 3.29
N GLY B 189 -7.68 8.53 3.85
CA GLY B 189 -8.02 9.56 4.81
C GLY B 189 -8.21 10.93 4.22
N ILE B 190 -8.52 11.01 2.93
CA ILE B 190 -8.68 12.28 2.24
C ILE B 190 -9.94 12.21 1.40
N ALA B 191 -10.50 13.38 1.10
CA ALA B 191 -11.70 13.44 0.29
C ALA B 191 -11.39 13.00 -1.15
N PRO B 192 -12.36 12.38 -1.82
CA PRO B 192 -12.14 12.04 -3.24
C PRO B 192 -11.76 13.24 -4.08
N SER B 193 -12.30 14.42 -3.77
CA SER B 193 -11.95 15.64 -4.50
C SER B 193 -10.49 16.02 -4.35
N GLU B 194 -9.79 15.45 -3.37
CA GLU B 194 -8.36 15.64 -3.23
C GLU B 194 -7.56 14.51 -3.85
N ILE B 195 -8.24 13.58 -4.52
CA ILE B 195 -7.57 12.49 -5.22
C ILE B 195 -7.45 12.89 -6.68
N LEU B 196 -6.25 12.79 -7.23
CA LEU B 196 -6.04 12.84 -8.66
C LEU B 196 -5.98 11.40 -9.15
N MET B 197 -6.98 11.00 -9.92
CA MET B 197 -6.95 9.69 -10.53
C MET B 197 -6.10 9.74 -11.79
N VAL B 198 -5.16 8.80 -11.90
CA VAL B 198 -4.22 8.74 -13.00
C VAL B 198 -4.44 7.41 -13.71
N ALA B 199 -4.94 7.47 -14.94
CA ALA B 199 -5.21 6.27 -15.72
C ALA B 199 -4.91 6.54 -17.19
N SER B 200 -4.64 5.46 -17.91
CA SER B 200 -4.52 5.49 -19.35
C SER B 200 -5.82 5.08 -20.02
N HIS B 201 -6.88 4.92 -19.25
CA HIS B 201 -8.16 4.44 -19.74
C HIS B 201 -9.24 5.42 -19.33
N ALA B 202 -10.04 5.86 -20.30
CA ALA B 202 -11.03 6.90 -20.02
C ALA B 202 -12.07 6.45 -19.03
N TYR B 203 -12.46 5.16 -19.06
CA TYR B 203 -13.48 4.67 -18.14
C TYR B 203 -13.07 4.95 -16.69
N ASP B 204 -11.78 4.71 -16.39
CA ASP B 204 -11.29 4.85 -15.03
C ASP B 204 -11.38 6.30 -14.57
N LEU B 205 -10.97 7.24 -15.42
CA LEU B 205 -11.02 8.65 -15.05
C LEU B 205 -12.45 9.16 -14.96
N GLU B 206 -13.30 8.76 -15.90
CA GLU B 206 -14.68 9.26 -15.89
C GLU B 206 -15.41 8.83 -14.62
N ALA B 207 -15.21 7.59 -14.18
CA ALA B 207 -15.80 7.13 -12.93
C ALA B 207 -15.20 7.86 -11.74
N ALA B 208 -13.88 8.08 -11.76
CA ALA B 208 -13.24 8.82 -10.69
C ALA B 208 -13.73 10.25 -10.65
N ARG B 209 -13.90 10.87 -11.83
CA ARG B 209 -14.53 12.19 -11.88
C ARG B 209 -15.93 12.15 -11.30
N GLU B 210 -16.65 11.04 -11.48
CA GLU B 210 -18.00 10.93 -10.94
C GLU B 210 -18.01 11.03 -9.43
N VAL B 211 -17.02 10.44 -8.76
CA VAL B 211 -16.91 10.56 -7.30
C VAL B 211 -16.22 11.85 -6.89
N GLY B 212 -15.86 12.70 -7.84
CA GLY B 212 -15.28 14.00 -7.53
C GLY B 212 -13.78 14.08 -7.62
N ALA B 213 -13.11 12.97 -7.94
CA ALA B 213 -11.66 12.98 -8.02
C ALA B 213 -11.17 13.70 -9.27
N GLY B 214 -9.96 14.23 -9.20
CA GLY B 214 -9.31 14.75 -10.39
C GLY B 214 -8.98 13.63 -11.36
N THR B 215 -8.83 14.02 -12.63
CA THR B 215 -8.58 13.06 -13.70
C THR B 215 -7.29 13.45 -14.43
N ALA B 216 -6.34 12.52 -14.48
CA ALA B 216 -5.10 12.68 -15.22
C ALA B 216 -5.01 11.52 -16.20
N TYR B 217 -5.08 11.82 -17.49
CA TYR B 217 -4.93 10.80 -18.50
C TYR B 217 -3.47 10.71 -18.92
N VAL B 218 -2.92 9.52 -18.83
CA VAL B 218 -1.57 9.25 -19.29
C VAL B 218 -1.68 8.60 -20.66
N ARG B 219 -1.31 9.35 -21.70
CA ARG B 219 -1.23 8.75 -23.02
C ARG B 219 -0.14 7.69 -23.02
N ARG B 220 -0.49 6.50 -23.47
CA ARG B 220 0.46 5.39 -23.59
C ARG B 220 0.37 4.89 -25.02
N PRO B 221 1.07 5.55 -25.95
CA PRO B 221 0.94 5.18 -27.36
C PRO B 221 1.38 3.74 -27.64
N LEU B 222 2.28 3.21 -26.82
CA LEU B 222 2.73 1.83 -26.97
C LEU B 222 1.95 0.85 -26.11
N GLN B 223 0.90 1.32 -25.43
CA GLN B 223 0.15 0.47 -24.51
C GLN B 223 -0.36 -0.78 -25.22
N TYR B 224 -0.98 -0.62 -26.37
CA TYR B 224 -1.52 -1.74 -27.14
C TYR B 224 -0.58 -2.16 -28.26
N GLY B 225 0.70 -1.81 -28.15
CA GLY B 225 1.69 -2.21 -29.11
C GLY B 225 2.21 -1.04 -29.92
N PRO B 226 3.28 -1.27 -30.68
CA PRO B 226 3.78 -0.20 -31.56
C PRO B 226 2.76 0.22 -32.60
N THR B 227 1.99 -0.72 -33.13
CA THR B 227 0.91 -0.43 -34.05
C THR B 227 -0.45 -0.51 -33.38
N GLY B 228 -0.49 -0.62 -32.05
CA GLY B 228 -1.76 -0.70 -31.35
C GLY B 228 -2.51 0.61 -31.42
N ARG B 229 -3.83 0.51 -31.26
CA ARG B 229 -4.73 1.65 -31.36
C ARG B 229 -5.07 2.15 -29.97
N THR B 230 -4.63 3.38 -29.65
CA THR B 230 -4.88 4.01 -28.36
C THR B 230 -5.80 5.21 -28.56
N GLU B 231 -6.68 5.43 -27.59
CA GLU B 231 -7.62 6.54 -27.70
C GLU B 231 -6.87 7.87 -27.58
N ASP B 232 -7.08 8.76 -28.56
CA ASP B 232 -6.46 10.08 -28.55
C ASP B 232 -7.37 11.01 -27.76
N VAL B 233 -7.19 11.02 -26.45
CA VAL B 233 -8.07 11.81 -25.60
C VAL B 233 -7.91 13.29 -25.94
N PRO B 234 -8.99 14.04 -26.15
CA PRO B 234 -8.86 15.46 -26.45
C PRO B 234 -8.32 16.23 -25.25
N ASP B 235 -7.64 17.33 -25.54
CA ASP B 235 -7.18 18.23 -24.49
C ASP B 235 -8.39 18.90 -23.85
N GLY B 236 -8.43 18.89 -22.51
CA GLY B 236 -9.56 19.41 -21.76
C GLY B 236 -10.56 18.35 -21.32
N ARG B 237 -10.47 17.13 -21.84
CA ARG B 237 -11.35 16.06 -21.38
C ARG B 237 -11.11 15.74 -19.91
N PHE B 238 -9.85 15.70 -19.51
CA PHE B 238 -9.46 15.41 -18.15
C PHE B 238 -8.61 16.56 -17.63
N ASP B 239 -8.50 16.64 -16.29
CA ASP B 239 -7.76 17.75 -15.70
C ASP B 239 -6.31 17.74 -16.15
N PHE B 240 -5.76 16.58 -16.44
CA PHE B 240 -4.41 16.47 -16.95
C PHE B 240 -4.38 15.48 -18.11
N LEU B 241 -3.61 15.82 -19.13
CA LEU B 241 -3.40 14.97 -20.29
C LEU B 241 -1.91 14.94 -20.53
N VAL B 242 -1.28 13.82 -20.15
CA VAL B 242 0.17 13.68 -20.15
C VAL B 242 0.52 12.38 -20.84
N ASP B 243 1.79 12.27 -21.24
CA ASP B 243 2.31 11.04 -21.81
C ASP B 243 3.36 10.42 -20.91
N SER B 244 3.57 10.97 -19.73
CA SER B 244 4.61 10.53 -18.83
C SER B 244 4.17 10.85 -17.41
N ILE B 245 4.50 9.95 -16.48
CA ILE B 245 4.24 10.23 -15.08
C ILE B 245 5.12 11.38 -14.61
N SER B 246 6.35 11.46 -15.13
CA SER B 246 7.19 12.61 -14.88
C SER B 246 6.55 13.89 -15.41
N GLU B 247 5.93 13.81 -16.59
CA GLU B 247 5.23 14.95 -17.15
C GLU B 247 4.05 15.35 -16.27
N LEU B 248 3.29 14.36 -15.80
CA LEU B 248 2.23 14.65 -14.85
C LEU B 248 2.78 15.27 -13.58
N ALA B 249 3.90 14.72 -13.08
CA ALA B 249 4.52 15.27 -11.88
C ALA B 249 4.94 16.72 -12.09
N ASP B 250 5.53 17.01 -13.25
CA ASP B 250 5.92 18.39 -13.57
C ASP B 250 4.71 19.31 -13.54
N GLN B 251 3.61 18.89 -14.18
CA GLN B 251 2.40 19.69 -14.21
C GLN B 251 1.75 19.84 -12.84
N LEU B 252 2.14 19.01 -11.88
CA LEU B 252 1.63 19.07 -10.52
C LEU B 252 2.54 19.84 -9.59
N GLY B 253 3.52 20.57 -10.12
CA GLY B 253 4.46 21.28 -9.29
C GLY B 253 5.51 20.42 -8.62
N CYS B 254 5.67 19.17 -9.05
CA CYS B 254 6.73 18.32 -8.52
C CYS B 254 7.97 18.51 -9.37
N PRO B 255 9.04 19.10 -8.85
CA PRO B 255 10.25 19.25 -9.66
C PRO B 255 10.95 17.92 -9.87
N ARG B 256 11.58 17.78 -11.04
CA ARG B 256 12.38 16.60 -11.32
C ARG B 256 13.60 16.57 -10.40
N LEU B 257 13.97 15.38 -9.96
CA LEU B 257 15.12 15.23 -9.08
C LEU B 257 16.37 14.85 -9.87
O1 TLA C . -1.09 -1.85 17.85
O11 TLA C . -0.12 -3.74 17.29
C1 TLA C . -0.08 -2.51 17.51
C2 TLA C . 1.22 -1.79 17.34
O2 TLA C . 1.03 -0.42 17.69
C3 TLA C . 1.81 -1.89 15.92
C4 TLA C . 0.93 -1.25 14.87
O4 TLA C . 1.46 -0.42 14.10
O41 TLA C . -0.27 -1.60 14.79
O1 TLA D . -5.96 -3.52 -15.93
O11 TLA D . -7.78 -3.09 -14.78
C1 TLA D . -6.79 -2.72 -15.45
C2 TLA D . -6.59 -1.26 -15.69
O2 TLA D . -6.02 -1.07 -16.98
C3 TLA D . -5.69 -0.61 -14.63
C4 TLA D . -5.54 -1.46 -13.40
O4 TLA D . -4.39 -1.86 -13.09
O41 TLA D . -6.56 -1.72 -12.73
#